data_6AYB
#
_entry.id   6AYB
#
_cell.length_a   119.210
_cell.length_b   55.250
_cell.length_c   71.620
_cell.angle_alpha   90.000
_cell.angle_beta   100.130
_cell.angle_gamma   90.000
#
_symmetry.space_group_name_H-M   'C 1 2 1'
#
loop_
_entity.id
_entity.type
_entity.pdbx_description
1 polymer 'CYP51, sterol 14alpha-demethylase'
2 non-polymer 'PROTOPORPHYRIN IX CONTAINING FE'
3 non-polymer 1,2-ETHANEDIOL
4 non-polymer 'CALCIUM ION'
5 non-polymer 1-acetyl-4-(4-{[(2R,4S)-2-(2,4-dichlorophenyl)-2-(1H-imidazol-1-ylmethyl)-1,3-dioxolan-4-yl]methoxy}phenyl)piperazine
6 water water
#
_entity_poly.entity_id   1
_entity_poly.type   'polypeptide(L)'
_entity_poly.pdbx_seq_one_letter_code
;MAKKTSSKGKLPPRVPNLIPYVGSFVSFAKNPVQFIIDNSKKYGDVFTATILGKEMTFLNHPKILDTFFKATDNELSLRD
VYRFMRPVFGTGVVYDADSTERMMEQVKFVSSGLTTARFRVFVDIFEDEIAHKVKELGPEGTVDVAELMADLIIFTASRC
LLGDEVRQYLSEKNLGKLYHDIDDGISPLSFFYPSLPAPKRDKARKAVGEIFQELLDKRREEHKKHPERLLDESKMDVVD
HLLTQKYKDGQELTDVHRIGILIAGLFAGQHTSSITSSWTLMNVISNKKVLEKVRKEQEEIMGSDKVLDYDKVMKMDYLE
ACMKEALRMYPPLIMIMRMARKPRE(CSO)EQYIIPKGNILVVSPSVAGR(CSO)TDTYTNPDVFDPERLTERKEHEKFK
YGAVPFGAGRHKCIGENFALLQVKSIISILLRYFDMEYIGKIPDPSYTSLVVGPSPPTRMRYKLRKQQHHHHHH
;
_entity_poly.pdbx_strand_id   A
#
loop_
_chem_comp.id
_chem_comp.type
_chem_comp.name
_chem_comp.formula
CA non-polymer 'CALCIUM ION' 'Ca 2'
EDO non-polymer 1,2-ETHANEDIOL 'C2 H6 O2'
HEM non-polymer 'PROTOPORPHYRIN IX CONTAINING FE' 'C34 H32 Fe N4 O4'
KKK non-polymer 1-acetyl-4-(4-{[(2R,4S)-2-(2,4-dichlorophenyl)-2-(1H-imidazol-1-ylmethyl)-1,3-dioxolan-4-yl]methoxy}phenyl)piperazine 'C26 H28 Cl2 N4 O4'
#
# COMPACT_ATOMS: atom_id res chain seq x y z
N LYS A 10 0.64 34.96 10.38
CA LYS A 10 0.35 34.06 11.52
C LYS A 10 -0.38 32.78 11.01
N LEU A 11 -1.36 32.31 11.78
CA LEU A 11 -2.01 31.02 11.53
C LEU A 11 -2.85 31.05 10.22
N PRO A 12 -3.16 29.86 9.64
CA PRO A 12 -3.98 29.75 8.41
C PRO A 12 -5.47 29.94 8.64
N PRO A 13 -6.28 29.85 7.56
CA PRO A 13 -7.73 29.81 7.70
C PRO A 13 -8.20 28.53 8.33
N ARG A 14 -9.36 28.59 8.95
CA ARG A 14 -9.81 27.51 9.81
C ARG A 14 -11.15 26.99 9.37
N VAL A 15 -11.32 25.68 9.34
CA VAL A 15 -12.66 25.13 9.29
C VAL A 15 -13.25 25.30 10.67
N PRO A 16 -14.56 25.63 10.75
CA PRO A 16 -15.00 26.16 11.99
C PRO A 16 -15.56 25.07 12.83
N ASN A 17 -15.07 24.97 14.08
CA ASN A 17 -15.52 23.96 15.04
C ASN A 17 -16.98 23.88 15.04
N LEU A 18 -17.54 22.70 14.74
CA LEU A 18 -18.94 22.49 15.04
C LEU A 18 -19.10 22.58 16.57
N ILE A 19 -18.16 21.92 17.25
CA ILE A 19 -18.27 21.57 18.65
C ILE A 19 -16.89 21.77 19.30
N PRO A 20 -16.83 22.02 20.63
CA PRO A 20 -15.50 22.01 21.23
C PRO A 20 -14.87 20.63 21.16
N TYR A 21 -13.53 20.59 21.19
CA TYR A 21 -12.75 19.33 21.19
C TYR A 21 -12.96 18.44 19.98
N VAL A 22 -14.22 18.01 19.75
CA VAL A 22 -14.53 17.13 18.61
C VAL A 22 -14.24 17.83 17.30
N GLY A 23 -14.52 19.12 17.26
CA GLY A 23 -14.37 19.91 16.04
C GLY A 23 -15.19 19.34 14.90
N SER A 24 -14.54 19.18 13.75
CA SER A 24 -15.25 18.83 12.50
C SER A 24 -15.20 17.34 12.23
N PHE A 25 -15.07 16.55 13.28
CA PHE A 25 -14.85 15.11 13.09
C PHE A 25 -15.99 14.36 12.32
N VAL A 26 -17.22 14.90 12.35
CA VAL A 26 -18.37 14.16 11.82
C VAL A 26 -18.43 14.24 10.27
N SER A 27 -18.30 15.43 9.73
CA SER A 27 -18.21 15.62 8.29
C SER A 27 -16.94 14.98 7.77
N PHE A 28 -15.84 15.15 8.51
CA PHE A 28 -14.56 14.49 8.16
C PHE A 28 -14.75 13.00 8.07
N ALA A 29 -15.36 12.42 9.11
CA ALA A 29 -15.73 10.98 9.15
C ALA A 29 -16.63 10.55 8.01
N LYS A 30 -17.65 11.36 7.66
CA LYS A 30 -18.59 11.00 6.53
C LYS A 30 -17.84 10.67 5.26
N ASN A 31 -16.76 11.42 5.00
CA ASN A 31 -16.00 11.31 3.78
C ASN A 31 -14.83 12.29 3.83
N PRO A 32 -13.64 11.80 4.25
CA PRO A 32 -12.51 12.66 4.49
C PRO A 32 -11.99 13.37 3.24
N VAL A 33 -12.17 12.76 2.06
CA VAL A 33 -11.72 13.35 0.80
C VAL A 33 -12.60 14.56 0.43
N GLN A 34 -13.92 14.37 0.42
CA GLN A 34 -14.88 15.47 0.20
C GLN A 34 -14.75 16.59 1.22
N PHE A 35 -14.55 16.23 2.47
CA PHE A 35 -14.29 17.23 3.54
C PHE A 35 -13.19 18.21 3.13
N ILE A 36 -12.05 17.65 2.72
CA ILE A 36 -10.88 18.45 2.33
C ILE A 36 -11.16 19.29 1.07
N ILE A 37 -11.78 18.66 0.05
CA ILE A 37 -12.18 19.37 -1.20
C ILE A 37 -13.19 20.48 -0.95
N ASP A 38 -14.15 20.22 -0.05
CA ASP A 38 -15.18 21.16 0.26
C ASP A 38 -14.64 22.30 1.05
N ASN A 39 -13.78 22.01 2.01
CA ASN A 39 -13.17 23.08 2.75
C ASN A 39 -12.10 23.82 1.94
N SER A 40 -11.53 23.14 0.93
CA SER A 40 -10.59 23.79 0.02
C SER A 40 -11.27 24.90 -0.73
N LYS A 41 -12.35 24.55 -1.40
CA LYS A 41 -13.05 25.48 -2.26
C LYS A 41 -13.50 26.68 -1.45
N LYS A 42 -13.64 26.51 -0.14
CA LYS A 42 -14.10 27.61 0.69
C LYS A 42 -12.95 28.32 1.41
N TYR A 43 -12.01 27.59 2.02
CA TYR A 43 -10.95 28.29 2.81
C TYR A 43 -9.54 28.26 2.21
N GLY A 44 -9.33 27.51 1.14
CA GLY A 44 -8.11 27.64 0.36
C GLY A 44 -7.00 26.63 0.63
N ASP A 45 -6.12 26.51 -0.35
CA ASP A 45 -5.03 25.55 -0.37
C ASP A 45 -4.37 25.13 1.02
N VAL A 46 -4.43 25.99 2.05
CA VAL A 46 -3.91 25.61 3.42
C VAL A 46 -4.91 26.02 4.51
N PHE A 47 -5.61 25.04 5.12
CA PHE A 47 -6.56 25.32 6.22
C PHE A 47 -6.41 24.36 7.38
N THR A 48 -6.61 24.87 8.59
CA THR A 48 -6.58 24.04 9.80
C THR A 48 -8.00 23.66 10.27
N ALA A 49 -8.22 22.35 10.48
CA ALA A 49 -9.46 21.83 11.10
C ALA A 49 -9.12 21.01 12.35
N THR A 50 -9.76 21.36 13.48
CA THR A 50 -9.77 20.51 14.68
C THR A 50 -10.66 19.26 14.52
N ILE A 51 -10.03 18.11 14.82
CA ILE A 51 -10.64 16.83 14.72
C ILE A 51 -10.22 15.99 15.96
N LEU A 52 -11.22 15.66 16.80
CA LEU A 52 -11.01 14.90 18.03
C LEU A 52 -9.72 15.26 18.71
N GLY A 53 -9.60 16.54 19.12
CA GLY A 53 -8.44 17.00 19.89
C GLY A 53 -7.29 17.58 19.06
N LYS A 54 -7.22 17.19 17.77
CA LYS A 54 -5.99 17.38 16.94
C LYS A 54 -6.05 18.56 15.98
N GLU A 55 -5.13 19.51 16.17
CA GLU A 55 -4.95 20.57 15.26
C GLU A 55 -4.35 20.01 13.99
N MET A 56 -5.22 19.80 12.99
CA MET A 56 -4.81 19.24 11.74
C MET A 56 -4.86 20.28 10.64
N THR A 57 -3.69 20.54 10.05
CA THR A 57 -3.52 21.53 9.01
C THR A 57 -3.26 20.86 7.69
N PHE A 58 -4.22 20.97 6.77
CA PHE A 58 -4.23 20.26 5.50
C PHE A 58 -3.63 21.14 4.41
N LEU A 59 -2.68 20.57 3.64
CA LEU A 59 -2.11 21.26 2.44
C LEU A 59 -2.72 20.67 1.20
N ASN A 60 -3.40 21.50 0.37
CA ASN A 60 -4.36 20.98 -0.65
C ASN A 60 -3.97 21.14 -2.13
N HIS A 61 -2.81 21.75 -2.42
CA HIS A 61 -2.41 21.94 -3.83
C HIS A 61 -1.02 21.45 -4.12
N PRO A 62 -0.80 20.79 -5.31
CA PRO A 62 0.57 20.27 -5.56
C PRO A 62 1.68 21.31 -5.37
N LYS A 63 1.39 22.55 -5.75
CA LYS A 63 2.37 23.58 -5.80
C LYS A 63 2.95 24.01 -4.43
N ILE A 64 2.27 23.71 -3.31
CA ILE A 64 2.83 24.11 -1.96
C ILE A 64 3.60 23.00 -1.27
N LEU A 65 3.69 21.85 -1.93
CA LEU A 65 4.05 20.61 -1.24
C LEU A 65 5.54 20.46 -0.90
N ASP A 66 6.38 21.27 -1.53
CA ASP A 66 7.81 21.00 -1.55
C ASP A 66 8.40 20.95 -0.14
N THR A 67 7.98 21.87 0.70
CA THR A 67 8.51 21.97 2.04
C THR A 67 8.04 20.78 2.91
N PHE A 68 6.86 20.27 2.58
CA PHE A 68 6.30 19.06 3.23
C PHE A 68 7.15 17.82 2.92
N PHE A 69 7.53 17.66 1.67
CA PHE A 69 8.22 16.48 1.27
C PHE A 69 9.74 16.60 1.47
N LYS A 70 10.26 17.82 1.51
CA LYS A 70 11.72 18.04 1.61
C LYS A 70 12.21 18.29 3.08
N ALA A 71 11.32 18.28 4.04
CA ALA A 71 11.71 18.60 5.43
C ALA A 71 12.48 17.43 6.08
N THR A 72 13.10 17.70 7.22
CA THR A 72 13.75 16.64 7.97
C THR A 72 12.81 16.14 9.02
N ASP A 73 13.09 14.95 9.58
CA ASP A 73 12.19 14.32 10.54
C ASP A 73 12.22 15.01 11.96
N ASN A 74 13.20 15.88 12.19
CA ASN A 74 13.19 16.72 13.36
C ASN A 74 12.38 17.99 13.16
N GLU A 75 12.06 18.30 11.89
CA GLU A 75 11.07 19.36 11.52
C GLU A 75 9.62 18.78 11.39
N LEU A 76 9.45 17.83 10.46
CA LEU A 76 8.17 17.17 10.24
C LEU A 76 8.32 15.65 10.55
N SER A 77 7.82 15.22 11.70
CA SER A 77 7.97 13.83 12.16
C SER A 77 6.85 12.87 11.64
N LEU A 78 7.27 11.70 11.11
CA LEU A 78 6.31 10.59 10.73
C LEU A 78 6.02 9.71 11.92
N ARG A 79 7.04 9.52 12.77
CA ARG A 79 6.93 8.63 13.89
C ARG A 79 5.93 9.15 14.94
N ASP A 80 5.81 10.47 15.05
CA ASP A 80 4.87 11.07 15.98
C ASP A 80 3.38 10.80 15.57
N VAL A 81 3.16 10.50 14.29
CA VAL A 81 1.79 10.35 13.77
C VAL A 81 1.40 8.87 13.42
N TYR A 82 2.41 8.05 13.16
CA TYR A 82 2.23 6.66 12.73
C TYR A 82 2.61 5.62 13.86
N ARG A 83 3.03 6.12 14.99
CA ARG A 83 3.34 5.27 16.15
C ARG A 83 2.15 4.42 16.62
N PHE A 84 0.94 4.99 16.57
CA PHE A 84 -0.27 4.18 16.80
C PHE A 84 -0.20 2.74 16.11
N MET A 85 0.63 2.55 15.09
CA MET A 85 0.66 1.21 14.41
C MET A 85 1.35 0.20 15.29
N ARG A 86 1.87 0.64 16.43
CA ARG A 86 2.70 -0.24 17.33
C ARG A 86 2.06 -1.61 17.64
N PRO A 87 0.75 -1.64 18.00
CA PRO A 87 0.24 -2.96 18.33
C PRO A 87 0.04 -3.90 17.07
N VAL A 88 0.05 -3.35 15.87
CA VAL A 88 0.12 -4.22 14.68
C VAL A 88 1.59 -4.66 14.49
N PHE A 89 2.48 -3.67 14.23
CA PHE A 89 3.91 -3.91 13.91
C PHE A 89 4.70 -4.51 15.07
N GLY A 90 4.72 -3.81 16.21
CA GLY A 90 5.51 -4.25 17.36
C GLY A 90 6.23 -3.10 18.01
N THR A 91 6.61 -3.26 19.27
CA THR A 91 7.37 -2.25 19.98
C THR A 91 8.73 -2.19 19.36
N GLY A 92 9.27 -0.96 19.17
CA GLY A 92 10.65 -0.72 18.67
C GLY A 92 10.81 -0.87 17.14
N VAL A 93 9.69 -1.07 16.44
CA VAL A 93 9.68 -1.39 15.01
C VAL A 93 9.11 -0.24 14.15
N VAL A 94 9.83 0.03 13.05
CA VAL A 94 9.52 1.08 12.11
C VAL A 94 9.16 2.42 12.74
N TYR A 95 7.85 2.78 12.74
CA TYR A 95 7.43 4.09 13.30
C TYR A 95 7.36 4.11 14.79
N ASP A 96 7.60 2.96 15.44
CA ASP A 96 7.92 2.98 16.88
C ASP A 96 9.46 2.80 17.19
N ALA A 97 10.32 2.83 16.17
CA ALA A 97 11.79 2.71 16.47
C ALA A 97 12.26 3.85 17.37
N ASP A 98 13.38 3.63 18.08
CA ASP A 98 13.94 4.70 18.98
C ASP A 98 14.34 5.94 18.24
N SER A 99 14.71 5.80 16.97
CA SER A 99 14.99 6.95 16.14
C SER A 99 14.59 6.74 14.74
N THR A 100 14.39 7.84 14.03
CA THR A 100 14.26 7.85 12.57
C THR A 100 15.45 7.18 11.90
N GLU A 101 16.63 7.35 12.48
CA GLU A 101 17.82 6.67 11.98
C GLU A 101 17.64 5.16 12.04
N ARG A 102 17.06 4.68 13.12
CA ARG A 102 16.85 3.25 13.27
C ARG A 102 15.72 2.69 12.32
N MET A 103 14.61 3.44 12.22
CA MET A 103 13.51 3.17 11.27
C MET A 103 14.03 2.98 9.86
N MET A 104 14.86 3.92 9.45
CA MET A 104 15.42 3.90 8.11
C MET A 104 16.24 2.64 7.88
N GLU A 105 17.10 2.27 8.83
CA GLU A 105 17.81 0.98 8.70
C GLU A 105 16.86 -0.20 8.57
N GLN A 106 15.80 -0.19 9.37
CA GLN A 106 14.86 -1.30 9.36
C GLN A 106 14.07 -1.36 8.02
N VAL A 107 13.66 -0.21 7.51
CA VAL A 107 13.02 -0.16 6.18
C VAL A 107 13.98 -0.79 5.14
N LYS A 108 15.28 -0.58 5.29
CA LYS A 108 16.24 -1.17 4.35
C LYS A 108 16.37 -2.68 4.47
N PHE A 109 16.07 -3.29 5.61
CA PHE A 109 16.08 -4.78 5.65
C PHE A 109 14.98 -5.38 4.76
N VAL A 110 13.91 -4.62 4.55
CA VAL A 110 12.79 -5.09 3.73
C VAL A 110 13.20 -4.91 2.31
N SER A 111 13.49 -3.65 1.98
CA SER A 111 13.96 -3.30 0.67
C SER A 111 15.03 -4.31 0.19
N SER A 112 15.89 -4.80 1.08
CA SER A 112 16.96 -5.66 0.62
C SER A 112 16.47 -7.08 0.13
N GLY A 113 15.18 -7.40 0.28
CA GLY A 113 14.60 -8.64 -0.33
C GLY A 113 13.88 -8.35 -1.65
N LEU A 114 13.92 -7.09 -2.07
CA LEU A 114 13.18 -6.61 -3.21
C LEU A 114 14.18 -6.30 -4.38
N THR A 115 14.94 -7.27 -4.75
CA THR A 115 15.99 -7.09 -5.71
C THR A 115 15.55 -7.69 -7.00
N THR A 116 16.33 -7.39 -8.07
CA THR A 116 15.95 -7.76 -9.43
C THR A 116 15.92 -9.27 -9.46
N ALA A 117 16.92 -9.90 -8.84
CA ALA A 117 17.02 -11.36 -8.85
C ALA A 117 15.82 -11.98 -8.08
N ARG A 118 15.44 -11.38 -6.95
CA ARG A 118 14.22 -11.85 -6.30
C ARG A 118 12.99 -11.64 -7.20
N PHE A 119 12.94 -10.50 -7.92
CA PHE A 119 11.78 -10.14 -8.70
C PHE A 119 11.47 -11.22 -9.77
N ARG A 120 12.55 -11.79 -10.35
CA ARG A 120 12.44 -12.89 -11.30
C ARG A 120 11.77 -14.11 -10.65
N VAL A 121 12.15 -14.40 -9.43
CA VAL A 121 11.52 -15.47 -8.71
C VAL A 121 10.08 -15.11 -8.36
N PHE A 122 9.79 -13.82 -8.08
CA PHE A 122 8.45 -13.48 -7.66
C PHE A 122 7.46 -13.84 -8.81
N VAL A 123 7.79 -13.47 -10.05
CA VAL A 123 6.86 -13.77 -11.17
C VAL A 123 6.49 -15.23 -11.14
N ASP A 124 7.47 -16.09 -10.89
CA ASP A 124 7.18 -17.51 -10.72
C ASP A 124 6.15 -17.81 -9.56
N ILE A 125 6.38 -17.22 -8.39
CA ILE A 125 5.50 -17.38 -7.30
C ILE A 125 4.07 -16.98 -7.69
N PHE A 126 3.96 -15.82 -8.31
CA PHE A 126 2.69 -15.35 -8.82
C PHE A 126 2.02 -16.41 -9.75
N GLU A 127 2.76 -16.93 -10.70
CA GLU A 127 2.20 -17.94 -11.62
C GLU A 127 1.68 -19.11 -10.82
N ASP A 128 2.42 -19.49 -9.77
CA ASP A 128 2.14 -20.73 -9.04
C ASP A 128 0.84 -20.61 -8.16
N GLU A 129 0.73 -19.52 -7.40
CA GLU A 129 -0.44 -19.26 -6.59
C GLU A 129 -1.73 -19.11 -7.45
N ILE A 130 -1.65 -18.49 -8.63
CA ILE A 130 -2.80 -18.41 -9.50
C ILE A 130 -3.13 -19.81 -10.06
N ALA A 131 -2.13 -20.59 -10.40
CA ALA A 131 -2.39 -21.98 -10.77
C ALA A 131 -3.30 -22.65 -9.76
N HIS A 132 -2.93 -22.56 -8.48
CA HIS A 132 -3.71 -23.16 -7.41
C HIS A 132 -5.09 -22.51 -7.28
N LYS A 133 -5.19 -21.21 -7.48
CA LYS A 133 -6.45 -20.54 -7.34
C LYS A 133 -7.48 -20.86 -8.42
N VAL A 134 -7.03 -21.21 -9.62
CA VAL A 134 -7.98 -21.50 -10.70
C VAL A 134 -8.67 -22.86 -10.46
N LYS A 135 -8.05 -23.72 -9.68
CA LYS A 135 -8.67 -24.98 -9.34
C LYS A 135 -9.96 -24.73 -8.52
N GLU A 136 -9.89 -23.78 -7.60
CA GLU A 136 -11.04 -23.31 -6.82
C GLU A 136 -12.06 -22.60 -7.66
N LEU A 137 -11.60 -21.78 -8.58
CA LEU A 137 -12.52 -20.99 -9.41
C LEU A 137 -13.23 -21.86 -10.51
N GLY A 138 -12.58 -22.90 -10.97
CA GLY A 138 -13.17 -23.76 -12.04
C GLY A 138 -13.27 -23.09 -13.43
N PRO A 139 -13.92 -23.78 -14.40
CA PRO A 139 -14.11 -23.29 -15.81
C PRO A 139 -14.90 -21.97 -15.97
N GLU A 140 -15.85 -21.73 -15.10
CA GLU A 140 -16.51 -20.44 -15.06
C GLU A 140 -17.10 -20.19 -13.67
N GLY A 141 -17.72 -19.05 -13.47
CA GLY A 141 -18.28 -18.73 -12.16
C GLY A 141 -18.39 -17.27 -11.99
N THR A 142 -18.60 -16.84 -10.76
CA THR A 142 -18.49 -15.44 -10.43
C THR A 142 -17.75 -15.36 -9.15
N VAL A 143 -17.06 -14.25 -8.93
CA VAL A 143 -16.22 -14.12 -7.78
C VAL A 143 -16.12 -12.69 -7.41
N ASP A 144 -15.86 -12.45 -6.14
CA ASP A 144 -15.67 -11.15 -5.63
C ASP A 144 -14.24 -10.69 -5.94
N VAL A 145 -14.12 -9.58 -6.68
CA VAL A 145 -12.84 -9.10 -7.14
C VAL A 145 -11.90 -8.81 -5.97
N ALA A 146 -12.33 -7.95 -5.04
CA ALA A 146 -11.49 -7.56 -3.88
C ALA A 146 -11.01 -8.78 -3.08
N GLU A 147 -11.92 -9.69 -2.77
CA GLU A 147 -11.59 -10.98 -2.07
C GLU A 147 -10.56 -11.90 -2.75
N LEU A 148 -10.76 -12.14 -4.04
CA LEU A 148 -9.80 -12.82 -4.87
C LEU A 148 -8.39 -12.24 -4.82
N MET A 149 -8.27 -10.91 -4.92
CA MET A 149 -6.99 -10.23 -4.98
C MET A 149 -6.31 -10.33 -3.59
N ALA A 150 -7.11 -10.22 -2.55
CA ALA A 150 -6.62 -10.24 -1.18
C ALA A 150 -6.08 -11.60 -0.90
N ASP A 151 -6.80 -12.61 -1.41
CA ASP A 151 -6.54 -14.02 -1.07
C ASP A 151 -5.29 -14.52 -1.80
N LEU A 152 -5.20 -14.19 -3.10
CA LEU A 152 -3.97 -14.34 -3.88
C LEU A 152 -2.74 -13.68 -3.17
N ILE A 153 -2.84 -12.41 -2.84
CA ILE A 153 -1.71 -11.63 -2.30
C ILE A 153 -1.32 -12.03 -0.86
N ILE A 154 -2.25 -12.62 -0.11
CA ILE A 154 -1.86 -13.29 1.15
C ILE A 154 -0.76 -14.34 0.83
N PHE A 155 -0.97 -15.11 -0.23
CA PHE A 155 -0.09 -16.20 -0.52
C PHE A 155 1.14 -15.69 -1.25
N THR A 156 0.95 -14.76 -2.20
CA THR A 156 2.05 -14.30 -2.99
C THR A 156 2.99 -13.38 -2.18
N ALA A 157 2.44 -12.37 -1.49
CA ALA A 157 3.32 -11.47 -0.62
C ALA A 157 4.09 -12.23 0.44
N SER A 158 3.41 -13.13 1.14
CA SER A 158 4.04 -13.97 2.16
C SER A 158 5.25 -14.78 1.60
N ARG A 159 5.04 -15.47 0.46
CA ARG A 159 6.14 -16.25 -0.16
C ARG A 159 7.26 -15.38 -0.72
N CYS A 160 6.92 -14.18 -1.25
CA CYS A 160 7.92 -13.30 -1.85
C CYS A 160 8.84 -12.75 -0.80
N LEU A 161 8.28 -12.27 0.33
CA LEU A 161 9.08 -11.63 1.41
C LEU A 161 9.66 -12.61 2.43
N LEU A 162 8.93 -13.68 2.72
CA LEU A 162 9.33 -14.63 3.76
C LEU A 162 9.94 -15.93 3.22
N GLY A 163 9.71 -16.21 1.95
CA GLY A 163 10.20 -17.45 1.36
C GLY A 163 9.17 -18.53 1.43
N ASP A 164 9.49 -19.69 0.88
CA ASP A 164 8.49 -20.71 0.59
C ASP A 164 8.00 -21.42 1.83
N GLU A 165 8.83 -21.42 2.87
CA GLU A 165 8.61 -22.20 4.06
C GLU A 165 7.28 -21.78 4.73
N VAL A 166 6.97 -20.47 4.66
CA VAL A 166 5.75 -19.90 5.26
C VAL A 166 4.47 -20.54 4.73
N ARG A 167 4.49 -21.04 3.49
CA ARG A 167 3.26 -21.46 2.83
C ARG A 167 2.51 -22.52 3.65
N GLN A 168 3.23 -23.44 4.28
CA GLN A 168 2.58 -24.53 4.99
C GLN A 168 1.81 -23.99 6.23
N TYR A 169 2.27 -22.88 6.78
CA TYR A 169 1.49 -22.19 7.81
C TYR A 169 0.20 -21.60 7.27
N LEU A 170 0.23 -21.08 6.06
CA LEU A 170 -0.97 -20.60 5.40
C LEU A 170 -1.94 -21.72 5.13
N SER A 171 -1.40 -22.82 4.61
CA SER A 171 -2.19 -23.97 4.20
C SER A 171 -2.73 -24.80 5.37
N GLU A 172 -2.00 -24.82 6.51
CA GLU A 172 -2.31 -25.79 7.58
C GLU A 172 -2.41 -25.25 8.99
N LYS A 173 -1.99 -24.02 9.22
CA LYS A 173 -2.03 -23.43 10.55
C LYS A 173 -2.82 -22.12 10.53
N ASN A 174 -3.64 -21.95 9.50
CA ASN A 174 -4.66 -20.89 9.53
C ASN A 174 -4.03 -19.51 9.63
N LEU A 175 -2.90 -19.31 8.95
CA LEU A 175 -2.17 -18.08 9.11
C LEU A 175 -2.89 -16.93 8.48
N GLY A 176 -3.58 -17.18 7.35
CA GLY A 176 -4.33 -16.14 6.67
C GLY A 176 -5.46 -15.57 7.53
N LYS A 177 -6.13 -16.44 8.28
CA LYS A 177 -7.18 -16.02 9.24
C LYS A 177 -6.58 -15.06 10.32
N LEU A 178 -5.38 -15.37 10.79
CA LEU A 178 -4.71 -14.55 11.84
C LEU A 178 -4.38 -13.16 11.29
N TYR A 179 -3.88 -13.10 10.04
CA TYR A 179 -3.61 -11.81 9.40
C TYR A 179 -4.90 -10.97 9.44
N HIS A 180 -6.02 -11.57 9.01
CA HIS A 180 -7.31 -10.87 8.98
C HIS A 180 -7.65 -10.35 10.38
N ASP A 181 -7.42 -11.15 11.40
CA ASP A 181 -7.76 -10.74 12.79
C ASP A 181 -6.93 -9.54 13.17
N ILE A 182 -5.66 -9.55 12.78
CA ILE A 182 -4.82 -8.40 12.96
C ILE A 182 -5.34 -7.22 12.17
N ASP A 183 -5.64 -7.45 10.89
CA ASP A 183 -6.03 -6.36 9.97
C ASP A 183 -7.31 -5.63 10.40
N ASP A 184 -8.27 -6.40 10.92
CA ASP A 184 -9.55 -5.86 11.33
C ASP A 184 -9.42 -5.08 12.60
N GLY A 185 -8.36 -5.34 13.36
CA GLY A 185 -8.15 -4.68 14.64
C GLY A 185 -7.43 -3.35 14.54
N ILE A 186 -7.33 -2.81 13.32
CA ILE A 186 -6.78 -1.49 13.14
C ILE A 186 -7.68 -0.61 12.31
N SER A 187 -7.75 0.62 12.68
CA SER A 187 -8.86 1.44 12.27
C SER A 187 -8.36 2.87 12.04
N PRO A 188 -9.04 3.62 11.17
CA PRO A 188 -8.78 5.06 11.06
C PRO A 188 -8.81 5.75 12.42
N LEU A 189 -9.74 5.29 13.26
CA LEU A 189 -9.86 5.78 14.60
C LEU A 189 -8.61 5.49 15.45
N SER A 190 -7.88 4.43 15.10
CA SER A 190 -6.72 4.05 15.91
C SER A 190 -5.70 5.20 15.93
N PHE A 191 -5.75 6.05 14.88
CA PHE A 191 -4.88 7.25 14.75
C PHE A 191 -5.18 8.30 15.78
N PHE A 192 -6.45 8.48 16.09
CA PHE A 192 -6.85 9.45 17.07
C PHE A 192 -6.82 8.86 18.48
N TYR A 193 -7.08 7.57 18.59
CA TYR A 193 -7.08 6.88 19.88
C TYR A 193 -6.29 5.61 19.82
N PRO A 194 -4.94 5.72 19.87
CA PRO A 194 -4.03 4.57 19.71
C PRO A 194 -4.20 3.45 20.76
N SER A 195 -4.63 3.79 21.98
CA SER A 195 -4.65 2.82 23.09
C SER A 195 -6.00 1.99 23.17
N LEU A 196 -6.92 2.25 22.26
CA LEU A 196 -8.18 1.47 22.19
C LEU A 196 -7.92 -0.03 22.42
N PRO A 197 -8.74 -0.68 23.25
CA PRO A 197 -8.61 -2.13 23.34
C PRO A 197 -9.01 -2.86 22.03
N ALA A 198 -8.28 -3.93 21.72
CA ALA A 198 -8.61 -4.81 20.65
C ALA A 198 -8.07 -6.16 20.99
N PRO A 199 -8.73 -6.85 21.91
CA PRO A 199 -8.20 -8.15 22.36
C PRO A 199 -8.15 -9.23 21.28
N LYS A 200 -9.08 -9.19 20.34
CA LYS A 200 -9.00 -10.13 19.19
C LYS A 200 -7.66 -9.90 18.39
N ARG A 201 -7.41 -8.66 18.03
CA ARG A 201 -6.18 -8.30 17.34
C ARG A 201 -4.94 -8.73 18.09
N ASP A 202 -4.90 -8.43 19.37
CA ASP A 202 -3.72 -8.78 20.19
C ASP A 202 -3.51 -10.28 20.28
N LYS A 203 -4.62 -11.03 20.41
CA LYS A 203 -4.51 -12.46 20.42
C LYS A 203 -3.82 -12.94 19.13
N ALA A 204 -4.36 -12.54 17.97
CA ALA A 204 -3.79 -13.01 16.71
C ALA A 204 -2.32 -12.53 16.55
N ARG A 205 -2.04 -11.25 16.83
CA ARG A 205 -0.70 -10.71 16.74
C ARG A 205 0.29 -11.59 17.51
N LYS A 206 -0.12 -12.07 18.68
CA LYS A 206 0.72 -12.98 19.44
C LYS A 206 0.76 -14.35 18.74
N ALA A 207 -0.36 -14.76 18.17
CA ALA A 207 -0.37 -15.99 17.37
C ALA A 207 0.68 -15.92 16.24
N VAL A 208 0.67 -14.84 15.49
CA VAL A 208 1.55 -14.71 14.33
C VAL A 208 3.00 -14.56 14.81
N GLY A 209 3.17 -13.82 15.90
CA GLY A 209 4.45 -13.70 16.55
C GLY A 209 5.08 -15.06 16.75
N GLU A 210 4.32 -15.98 17.35
CA GLU A 210 4.87 -17.33 17.65
C GLU A 210 5.19 -18.15 16.36
N ILE A 211 4.39 -17.97 15.33
CA ILE A 211 4.57 -18.69 14.08
C ILE A 211 5.81 -18.20 13.31
N PHE A 212 6.01 -16.88 13.29
CA PHE A 212 7.21 -16.30 12.67
C PHE A 212 8.48 -16.57 13.49
N GLN A 213 8.36 -16.76 14.82
CA GLN A 213 9.54 -17.10 15.67
C GLN A 213 10.04 -18.47 15.32
N GLU A 214 9.09 -19.39 15.10
CA GLU A 214 9.40 -20.74 14.61
C GLU A 214 9.93 -20.73 13.17
N LEU A 215 9.45 -19.76 12.39
CA LEU A 215 9.93 -19.56 11.02
C LEU A 215 11.40 -19.05 11.08
N LEU A 216 11.70 -18.16 12.03
CA LEU A 216 13.08 -17.74 12.21
C LEU A 216 13.95 -18.92 12.63
N ASP A 217 13.40 -19.75 13.50
CA ASP A 217 14.16 -20.85 14.06
C ASP A 217 14.37 -21.96 13.04
N LYS A 218 13.34 -22.28 12.28
CA LYS A 218 13.49 -23.26 11.20
C LYS A 218 14.59 -22.80 10.21
N ARG A 219 14.54 -21.52 9.81
CA ARG A 219 15.60 -20.91 8.96
C ARG A 219 17.04 -20.98 9.51
N ARG A 220 17.20 -20.73 10.83
CA ARG A 220 18.53 -20.66 11.49
C ARG A 220 19.32 -21.96 11.41
N GLU A 221 18.61 -23.09 11.44
CA GLU A 221 19.25 -24.37 11.21
C GLU A 221 19.36 -24.66 9.71
N GLU A 222 18.37 -24.21 8.93
CA GLU A 222 18.44 -24.26 7.45
C GLU A 222 19.69 -23.55 6.88
N HIS A 223 20.16 -22.54 7.61
CA HIS A 223 21.38 -21.80 7.28
C HIS A 223 22.63 -22.63 7.57
N LYS A 224 22.56 -23.37 8.68
CA LYS A 224 23.59 -24.27 9.07
C LYS A 224 23.67 -25.50 8.14
N LYS A 225 22.52 -26.08 7.84
CA LYS A 225 22.48 -27.24 6.95
C LYS A 225 22.90 -26.86 5.53
N HIS A 226 22.50 -25.68 5.07
CA HIS A 226 22.77 -25.26 3.67
C HIS A 226 23.22 -23.81 3.54
N PRO A 227 24.53 -23.52 3.84
CA PRO A 227 24.87 -22.11 3.87
C PRO A 227 25.15 -21.55 2.48
N GLU A 228 24.92 -22.36 1.45
CA GLU A 228 25.03 -21.89 0.07
C GLU A 228 23.91 -20.90 -0.25
N ARG A 229 22.76 -21.09 0.40
CA ARG A 229 21.65 -20.11 0.35
C ARG A 229 22.14 -18.67 0.42
N LEU A 230 23.00 -18.36 1.39
CA LEU A 230 23.48 -16.98 1.62
C LEU A 230 24.21 -16.40 0.42
N LEU A 231 24.65 -17.28 -0.48
CA LEU A 231 25.35 -16.89 -1.71
C LEU A 231 24.39 -16.82 -2.92
N ASP A 232 23.18 -17.33 -2.73
CA ASP A 232 22.19 -17.39 -3.81
C ASP A 232 21.28 -16.15 -3.78
N GLU A 233 21.58 -15.19 -4.65
CA GLU A 233 20.82 -13.94 -4.75
C GLU A 233 19.33 -14.14 -5.10
N SER A 234 19.00 -15.32 -5.59
CA SER A 234 17.65 -15.54 -6.10
C SER A 234 16.78 -16.11 -5.01
N LYS A 235 17.44 -16.65 -4.00
CA LYS A 235 16.78 -17.32 -2.89
C LYS A 235 16.79 -16.49 -1.60
N MET A 236 17.63 -15.44 -1.54
CA MET A 236 17.73 -14.57 -0.35
C MET A 236 16.47 -13.70 -0.19
N ASP A 237 15.72 -13.92 0.90
CA ASP A 237 14.50 -13.17 1.18
C ASP A 237 14.66 -12.28 2.43
N VAL A 238 13.57 -11.64 2.88
CA VAL A 238 13.70 -10.68 3.98
C VAL A 238 14.07 -11.39 5.27
N VAL A 239 13.57 -12.62 5.43
CA VAL A 239 13.91 -13.42 6.60
C VAL A 239 15.44 -13.68 6.61
N ASP A 240 15.99 -13.96 5.45
CA ASP A 240 17.43 -14.26 5.36
C ASP A 240 18.26 -13.06 5.79
N HIS A 241 17.90 -11.88 5.25
CA HIS A 241 18.60 -10.64 5.52
C HIS A 241 18.53 -10.24 7.01
N LEU A 242 17.35 -10.41 7.61
CA LEU A 242 17.11 -10.12 9.04
C LEU A 242 17.95 -10.99 10.00
N LEU A 243 18.18 -12.26 9.63
CA LEU A 243 19.03 -13.17 10.43
C LEU A 243 20.55 -12.91 10.27
N THR A 244 20.94 -12.30 9.15
CA THR A 244 22.36 -12.26 8.74
C THR A 244 22.95 -10.83 8.74
N GLN A 245 22.09 -9.81 8.84
CA GLN A 245 22.55 -8.39 8.91
C GLN A 245 22.59 -7.94 10.33
N LYS A 246 23.33 -6.86 10.59
CA LYS A 246 23.34 -6.19 11.93
C LYS A 246 22.92 -4.72 11.73
N TYR A 247 22.69 -3.98 12.79
CA TYR A 247 22.57 -2.53 12.61
C TYR A 247 23.96 -2.02 12.19
N LYS A 248 23.99 -0.84 11.60
CA LYS A 248 25.23 -0.24 11.12
C LYS A 248 26.22 -0.01 12.28
N ASP A 249 25.72 0.41 13.43
CA ASP A 249 26.58 0.69 14.60
C ASP A 249 26.99 -0.55 15.38
N GLY A 250 26.69 -1.74 14.82
CA GLY A 250 27.26 -3.01 15.32
C GLY A 250 26.26 -3.87 16.11
N GLN A 251 25.19 -3.25 16.62
CA GLN A 251 24.22 -3.94 17.48
C GLN A 251 23.46 -5.04 16.73
N GLU A 252 23.16 -6.10 17.46
CA GLU A 252 22.33 -7.21 16.96
C GLU A 252 20.86 -6.82 16.94
N LEU A 253 20.11 -7.30 15.95
CA LEU A 253 18.63 -7.30 16.06
C LEU A 253 18.19 -8.35 17.06
N THR A 254 17.06 -8.06 17.72
CA THR A 254 16.29 -9.05 18.44
C THR A 254 15.32 -9.81 17.47
N ASP A 255 14.99 -11.05 17.82
CA ASP A 255 13.92 -11.79 17.16
C ASP A 255 12.56 -11.08 17.24
N VAL A 256 12.38 -10.29 18.30
CA VAL A 256 11.21 -9.40 18.44
C VAL A 256 11.18 -8.37 17.34
N HIS A 257 12.30 -7.68 17.13
CA HIS A 257 12.37 -6.70 16.08
C HIS A 257 12.20 -7.37 14.69
N ARG A 258 12.80 -8.55 14.52
CA ARG A 258 12.78 -9.22 13.25
C ARG A 258 11.31 -9.52 12.86
N ILE A 259 10.61 -10.22 13.78
CA ILE A 259 9.13 -10.52 13.68
C ILE A 259 8.31 -9.30 13.31
N GLY A 260 8.41 -8.27 14.13
CA GLY A 260 7.82 -6.98 13.83
C GLY A 260 8.07 -6.38 12.43
N ILE A 261 9.33 -6.43 11.96
CA ILE A 261 9.68 -5.89 10.67
C ILE A 261 8.97 -6.72 9.57
N LEU A 262 9.03 -8.04 9.69
CA LEU A 262 8.27 -8.97 8.81
C LEU A 262 6.75 -8.67 8.73
N ILE A 263 6.13 -8.50 9.88
CA ILE A 263 4.70 -8.21 9.94
C ILE A 263 4.39 -6.85 9.26
N ALA A 264 5.22 -5.87 9.55
CA ALA A 264 5.03 -4.55 9.00
C ALA A 264 5.23 -4.61 7.50
N GLY A 265 6.26 -5.34 7.08
CA GLY A 265 6.54 -5.52 5.69
C GLY A 265 5.40 -6.19 4.98
N LEU A 266 4.93 -7.31 5.55
CA LEU A 266 3.74 -8.05 4.98
C LEU A 266 2.47 -7.23 4.88
N PHE A 267 2.21 -6.40 5.90
CA PHE A 267 1.09 -5.42 5.90
C PHE A 267 1.18 -4.47 4.74
N ALA A 268 2.38 -3.85 4.55
CA ALA A 268 2.67 -3.03 3.37
C ALA A 268 2.58 -3.84 2.08
N GLY A 269 2.95 -5.11 2.15
CA GLY A 269 3.07 -5.95 0.94
C GLY A 269 1.71 -6.35 0.32
N GLN A 270 0.63 -6.14 1.08
CA GLN A 270 -0.64 -6.81 0.84
C GLN A 270 -1.78 -5.84 0.44
N HIS A 271 -2.11 -4.89 1.32
CA HIS A 271 -3.43 -4.19 1.25
C HIS A 271 -3.51 -3.16 0.15
N THR A 272 -2.52 -2.25 0.13
CA THR A 272 -2.33 -1.32 -0.95
C THR A 272 -2.35 -2.02 -2.33
N SER A 273 -1.68 -3.14 -2.40
CA SER A 273 -1.55 -3.88 -3.61
C SER A 273 -2.88 -4.60 -4.08
N SER A 274 -3.52 -5.38 -3.18
CA SER A 274 -4.81 -6.08 -3.52
C SER A 274 -5.87 -5.09 -3.89
N ILE A 275 -6.00 -4.04 -3.09
CA ILE A 275 -6.92 -2.91 -3.45
C ILE A 275 -6.62 -2.33 -4.86
N THR A 276 -5.36 -1.94 -5.11
CA THR A 276 -5.03 -1.28 -6.34
C THR A 276 -5.26 -2.22 -7.52
N SER A 277 -4.96 -3.48 -7.30
CA SER A 277 -5.17 -4.54 -8.26
C SER A 277 -6.68 -4.80 -8.59
N SER A 278 -7.52 -4.78 -7.54
CA SER A 278 -9.00 -4.73 -7.71
C SER A 278 -9.48 -3.55 -8.55
N TRP A 279 -9.13 -2.33 -8.16
CA TRP A 279 -9.62 -1.12 -8.92
C TRP A 279 -9.09 -1.10 -10.35
N THR A 280 -7.84 -1.56 -10.53
CA THR A 280 -7.21 -1.63 -11.83
C THR A 280 -7.97 -2.60 -12.72
N LEU A 281 -8.12 -3.83 -12.25
CA LEU A 281 -8.77 -4.87 -13.00
C LEU A 281 -10.20 -4.54 -13.31
N MET A 282 -10.95 -4.02 -12.30
CA MET A 282 -12.35 -3.62 -12.50
C MET A 282 -12.51 -2.63 -13.68
N ASN A 283 -11.72 -1.56 -13.66
CA ASN A 283 -11.83 -0.50 -14.65
C ASN A 283 -11.41 -0.95 -16.06
N VAL A 284 -10.31 -1.68 -16.12
CA VAL A 284 -9.86 -2.35 -17.35
C VAL A 284 -10.96 -3.23 -18.02
N ILE A 285 -11.53 -4.18 -17.29
CA ILE A 285 -12.49 -5.11 -17.90
C ILE A 285 -13.87 -4.48 -18.24
N SER A 286 -14.17 -3.31 -17.70
CA SER A 286 -15.45 -2.68 -17.98
C SER A 286 -15.28 -1.45 -18.85
N ASN A 287 -14.14 -1.40 -19.56
CA ASN A 287 -13.92 -0.42 -20.59
C ASN A 287 -13.39 -1.12 -21.89
N LYS A 288 -14.25 -1.21 -22.91
CA LYS A 288 -13.92 -2.03 -24.07
C LYS A 288 -12.60 -1.59 -24.74
N LYS A 289 -12.46 -0.30 -24.99
CA LYS A 289 -11.25 0.24 -25.57
C LYS A 289 -10.00 -0.08 -24.72
N VAL A 290 -10.05 0.24 -23.42
CA VAL A 290 -8.91 0.03 -22.55
C VAL A 290 -8.49 -1.44 -22.56
N LEU A 291 -9.49 -2.32 -22.40
CA LEU A 291 -9.31 -3.80 -22.43
C LEU A 291 -8.64 -4.28 -23.71
N GLU A 292 -9.07 -3.72 -24.85
CA GLU A 292 -8.47 -4.02 -26.12
C GLU A 292 -6.97 -3.64 -26.16
N LYS A 293 -6.62 -2.44 -25.72
CA LYS A 293 -5.22 -2.03 -25.73
C LYS A 293 -4.43 -2.98 -24.85
N VAL A 294 -4.98 -3.29 -23.68
CA VAL A 294 -4.29 -4.17 -22.73
C VAL A 294 -4.10 -5.60 -23.26
N ARG A 295 -5.14 -6.17 -23.84
CA ARG A 295 -4.99 -7.47 -24.48
C ARG A 295 -3.98 -7.44 -25.62
N LYS A 296 -3.98 -6.38 -26.39
CA LYS A 296 -3.06 -6.25 -27.53
C LYS A 296 -1.60 -6.27 -27.07
N GLU A 297 -1.31 -5.49 -26.04
CA GLU A 297 0.03 -5.43 -25.47
C GLU A 297 0.45 -6.80 -25.00
N GLN A 298 -0.49 -7.49 -24.33
CA GLN A 298 -0.20 -8.80 -23.76
C GLN A 298 0.09 -9.81 -24.86
N GLU A 299 -0.67 -9.76 -25.94
CA GLU A 299 -0.44 -10.68 -27.04
C GLU A 299 0.96 -10.47 -27.58
N GLU A 300 1.27 -9.20 -27.85
CA GLU A 300 2.60 -8.77 -28.33
C GLU A 300 3.78 -9.25 -27.41
N ILE A 301 3.67 -9.03 -26.08
CA ILE A 301 4.73 -9.41 -25.15
C ILE A 301 4.87 -10.91 -24.96
N MET A 302 3.74 -11.62 -24.93
CA MET A 302 3.73 -13.07 -24.62
C MET A 302 4.23 -13.92 -25.83
N GLY A 303 3.92 -13.48 -27.03
CA GLY A 303 4.29 -14.23 -28.21
C GLY A 303 3.85 -15.68 -28.10
N SER A 304 4.81 -16.61 -28.21
CA SER A 304 4.53 -18.05 -28.17
C SER A 304 4.90 -18.69 -26.81
N ASP A 305 5.36 -17.88 -25.88
CA ASP A 305 5.53 -18.33 -24.51
C ASP A 305 4.15 -18.49 -23.82
N LYS A 306 4.06 -19.46 -22.92
CA LYS A 306 2.82 -19.76 -22.21
C LYS A 306 2.79 -19.19 -20.81
N VAL A 307 3.96 -18.74 -20.30
CA VAL A 307 4.01 -18.12 -18.94
C VAL A 307 4.84 -16.84 -18.85
N LEU A 308 4.63 -16.14 -17.76
CA LEU A 308 5.29 -14.89 -17.53
C LEU A 308 6.74 -15.11 -17.18
N ASP A 309 7.54 -14.05 -17.40
CA ASP A 309 8.80 -13.84 -16.70
C ASP A 309 8.88 -12.36 -16.45
N TYR A 310 9.85 -11.95 -15.63
CA TYR A 310 10.11 -10.51 -15.31
C TYR A 310 10.26 -9.58 -16.50
N ASP A 311 11.00 -10.01 -17.49
CA ASP A 311 11.32 -9.13 -18.58
C ASP A 311 10.02 -8.78 -19.33
N LYS A 312 9.20 -9.78 -19.61
CA LYS A 312 7.85 -9.51 -20.09
C LYS A 312 7.18 -8.44 -19.24
N VAL A 313 7.20 -8.58 -17.90
CA VAL A 313 6.39 -7.67 -17.10
C VAL A 313 6.90 -6.26 -17.28
N MET A 314 8.20 -6.12 -17.48
CA MET A 314 8.78 -4.82 -17.62
C MET A 314 8.38 -4.13 -18.92
N LYS A 315 7.80 -4.88 -19.85
CA LYS A 315 7.37 -4.27 -21.12
C LYS A 315 5.92 -3.82 -21.11
N MET A 316 5.19 -4.11 -20.02
CA MET A 316 3.72 -3.95 -19.99
C MET A 316 3.34 -2.52 -19.65
N ASP A 317 3.71 -1.59 -20.54
CA ASP A 317 3.69 -0.13 -20.24
C ASP A 317 2.29 0.43 -20.08
N TYR A 318 1.38 0.01 -20.96
CA TYR A 318 0.01 0.45 -20.90
C TYR A 318 -0.75 -0.16 -19.68
N LEU A 319 -0.56 -1.44 -19.42
CA LEU A 319 -1.10 -2.00 -18.22
C LEU A 319 -0.55 -1.21 -16.96
N GLU A 320 0.69 -0.80 -17.01
CA GLU A 320 1.22 0.01 -15.90
C GLU A 320 0.53 1.38 -15.86
N ALA A 321 0.23 1.95 -16.99
CA ALA A 321 -0.51 3.25 -16.99
C ALA A 321 -1.97 3.10 -16.43
N CYS A 322 -2.59 1.95 -16.70
CA CYS A 322 -3.90 1.60 -16.17
C CYS A 322 -3.86 1.58 -14.62
N MET A 323 -2.89 0.89 -14.09
CA MET A 323 -2.63 0.84 -12.64
C MET A 323 -2.45 2.20 -12.07
N LYS A 324 -1.61 3.00 -12.73
CA LYS A 324 -1.33 4.39 -12.28
C LYS A 324 -2.55 5.34 -12.38
N GLU A 325 -3.41 5.09 -13.35
CA GLU A 325 -4.66 5.83 -13.46
C GLU A 325 -5.59 5.49 -12.25
N ALA A 326 -5.63 4.22 -11.90
CA ALA A 326 -6.39 3.78 -10.79
C ALA A 326 -5.83 4.37 -9.45
N LEU A 327 -4.52 4.59 -9.37
CA LEU A 327 -3.90 5.21 -8.13
C LEU A 327 -4.19 6.69 -8.00
N ARG A 328 -4.41 7.33 -9.15
CA ARG A 328 -4.79 8.72 -9.20
C ARG A 328 -6.20 8.84 -8.67
N MET A 329 -7.07 7.96 -9.15
CA MET A 329 -8.48 8.01 -8.83
C MET A 329 -8.77 7.43 -7.44
N TYR A 330 -8.13 6.31 -7.09
CA TYR A 330 -8.47 5.57 -5.88
C TYR A 330 -7.24 5.26 -5.01
N PRO A 331 -6.50 6.30 -4.63
CA PRO A 331 -5.27 5.97 -3.85
C PRO A 331 -5.59 5.32 -2.51
N PRO A 332 -4.91 4.20 -2.17
CA PRO A 332 -5.29 3.43 -1.01
C PRO A 332 -4.87 4.07 0.30
N LEU A 333 -3.83 4.89 0.26
CA LEU A 333 -3.52 5.74 1.37
C LEU A 333 -3.97 7.14 1.04
N ILE A 334 -5.08 7.53 1.61
CA ILE A 334 -5.79 8.73 1.15
C ILE A 334 -5.23 10.01 1.71
N MET A 335 -4.36 9.85 2.73
CA MET A 335 -3.80 10.95 3.53
C MET A 335 -2.36 10.60 4.03
N ILE A 336 -1.43 11.52 3.83
CA ILE A 336 -0.06 11.41 4.30
C ILE A 336 0.11 12.51 5.32
N MET A 337 0.79 12.23 6.40
CA MET A 337 0.72 13.12 7.57
C MET A 337 2.07 13.26 8.29
N ARG A 338 2.30 14.42 8.88
CA ARG A 338 3.47 14.65 9.74
C ARG A 338 3.12 15.53 10.90
N MET A 339 3.79 15.31 12.01
CA MET A 339 3.67 16.16 13.18
C MET A 339 4.74 17.27 13.15
N ALA A 340 4.32 18.53 13.33
CA ALA A 340 5.27 19.65 13.35
C ALA A 340 5.95 19.77 14.68
N ARG A 341 7.25 19.48 14.72
CA ARG A 341 8.01 19.52 15.96
C ARG A 341 8.53 20.90 16.22
N LYS A 342 8.45 21.76 15.23
CA LYS A 342 8.70 23.17 15.41
C LYS A 342 7.72 23.88 14.46
N PRO A 343 7.48 25.19 14.67
CA PRO A 343 6.60 25.83 13.70
C PRO A 343 7.15 25.67 12.30
N ARG A 344 6.27 25.51 11.31
CA ARG A 344 6.70 25.41 9.92
C ARG A 344 6.11 26.55 9.12
N GLU A 345 6.94 27.26 8.37
CA GLU A 345 6.47 28.30 7.44
C GLU A 345 5.82 27.63 6.19
N CSO A 346 4.64 28.12 5.78
CA CSO A 346 4.02 27.64 4.51
CB CSO A 346 3.03 26.50 4.72
SG CSO A 346 2.57 25.79 3.15
C CSO A 346 3.33 28.78 3.80
O CSO A 346 2.32 29.33 4.29
OD CSO A 346 3.92 24.77 2.72
N GLU A 347 3.84 29.13 2.63
CA GLU A 347 3.45 30.35 1.96
C GLU A 347 3.39 31.52 2.98
N GLN A 348 2.27 32.23 2.99
CA GLN A 348 2.04 33.37 3.90
C GLN A 348 2.01 32.94 5.37
N TYR A 349 1.72 31.65 5.58
CA TYR A 349 1.32 31.15 6.89
C TYR A 349 2.49 30.64 7.73
N ILE A 350 2.22 30.43 9.01
CA ILE A 350 3.21 29.99 9.94
C ILE A 350 2.62 28.83 10.77
N ILE A 351 2.60 27.65 10.17
CA ILE A 351 1.92 26.54 10.76
C ILE A 351 2.55 26.15 12.09
N PRO A 352 1.74 26.12 13.14
CA PRO A 352 2.22 26.05 14.49
C PRO A 352 2.69 24.68 14.91
N LYS A 353 3.55 24.68 15.91
CA LYS A 353 4.07 23.48 16.55
C LYS A 353 2.96 22.58 17.14
N GLY A 354 3.07 21.28 16.92
CA GLY A 354 2.04 20.38 17.39
C GLY A 354 0.98 20.10 16.32
N ASN A 355 0.93 20.91 15.28
CA ASN A 355 -0.05 20.66 14.23
C ASN A 355 0.30 19.44 13.39
N ILE A 356 -0.69 18.80 12.84
CA ILE A 356 -0.42 17.69 11.99
C ILE A 356 -0.62 18.11 10.57
N LEU A 357 0.48 18.19 9.82
CA LEU A 357 0.35 18.50 8.40
C LEU A 357 -0.15 17.30 7.66
N VAL A 358 -1.04 17.53 6.70
CA VAL A 358 -1.70 16.44 6.00
C VAL A 358 -1.67 16.72 4.53
N VAL A 359 -1.40 15.70 3.75
CA VAL A 359 -1.44 15.79 2.31
C VAL A 359 -2.25 14.61 1.78
N SER A 360 -3.14 14.87 0.86
CA SER A 360 -4.03 13.83 0.34
C SER A 360 -3.78 13.54 -1.15
N PRO A 361 -3.27 12.32 -1.47
CA PRO A 361 -3.28 11.76 -2.83
C PRO A 361 -4.66 11.61 -3.47
N SER A 362 -5.70 11.49 -2.65
CA SER A 362 -7.03 11.37 -3.15
C SER A 362 -7.44 12.68 -3.73
N VAL A 363 -7.16 13.73 -2.98
CA VAL A 363 -7.48 15.08 -3.41
C VAL A 363 -6.65 15.48 -4.62
N ALA A 364 -5.38 15.11 -4.62
CA ALA A 364 -4.54 15.41 -5.77
C ALA A 364 -5.08 14.77 -7.07
N GLY A 365 -5.63 13.57 -6.95
CA GLY A 365 -6.04 12.83 -8.13
C GLY A 365 -7.14 13.48 -8.90
N ARG A 366 -7.91 14.35 -8.25
CA ARG A 366 -9.08 14.95 -8.87
C ARG A 366 -8.92 16.43 -9.19
N CSO A 367 -7.78 17.01 -8.80
CA CSO A 367 -7.54 18.48 -8.89
CB CSO A 367 -6.12 18.70 -8.36
SG CSO A 367 -5.82 20.32 -7.77
C CSO A 367 -7.62 18.91 -10.32
O CSO A 367 -6.87 18.42 -11.15
OD CSO A 367 -4.88 20.89 -9.06
N THR A 368 -8.54 19.84 -10.62
CA THR A 368 -8.86 20.18 -11.99
C THR A 368 -7.70 20.90 -12.66
N ASP A 369 -6.81 21.49 -11.86
CA ASP A 369 -5.63 22.12 -12.42
C ASP A 369 -4.81 21.06 -13.14
N THR A 370 -4.56 19.95 -12.45
CA THR A 370 -3.81 18.86 -13.04
C THR A 370 -4.60 18.02 -14.09
N TYR A 371 -5.85 17.68 -13.82
CA TYR A 371 -6.52 16.64 -14.65
C TYR A 371 -7.83 17.07 -15.26
N THR A 372 -7.93 16.93 -16.60
CA THR A 372 -9.22 17.10 -17.28
C THR A 372 -10.11 15.98 -16.89
N ASN A 373 -11.43 16.20 -16.99
CA ASN A 373 -12.45 15.17 -16.73
C ASN A 373 -12.04 14.10 -15.69
N PRO A 374 -11.67 14.55 -14.47
CA PRO A 374 -10.97 13.68 -13.49
C PRO A 374 -11.76 12.48 -12.97
N ASP A 375 -13.07 12.44 -13.25
CA ASP A 375 -13.94 11.31 -12.87
C ASP A 375 -13.99 10.21 -13.97
N VAL A 376 -13.14 10.32 -14.97
CA VAL A 376 -13.09 9.26 -15.97
C VAL A 376 -11.79 8.49 -15.83
N PHE A 377 -11.88 7.17 -15.91
CA PHE A 377 -10.70 6.34 -16.01
C PHE A 377 -10.16 6.43 -17.46
N ASP A 378 -9.09 7.21 -17.62
CA ASP A 378 -8.54 7.55 -18.93
C ASP A 378 -7.01 7.44 -18.88
N PRO A 379 -6.46 6.19 -19.01
CA PRO A 379 -5.01 6.09 -18.78
C PRO A 379 -4.14 6.92 -19.78
N GLU A 380 -4.70 7.20 -20.96
CA GLU A 380 -4.01 8.05 -22.00
C GLU A 380 -3.80 9.50 -21.51
N ARG A 381 -4.43 9.87 -20.40
CA ARG A 381 -4.18 11.17 -19.77
C ARG A 381 -2.76 11.21 -19.21
N LEU A 382 -2.20 10.01 -19.03
CA LEU A 382 -0.88 9.85 -18.51
C LEU A 382 0.09 9.57 -19.66
N THR A 383 -0.27 8.63 -20.54
CA THR A 383 0.67 8.15 -21.60
C THR A 383 0.76 9.09 -22.79
N GLU A 384 -0.25 9.94 -23.00
CA GLU A 384 -0.26 10.84 -24.14
C GLU A 384 -0.32 12.30 -23.74
N ARG A 385 -1.07 12.61 -22.69
CA ARG A 385 -1.26 13.99 -22.30
C ARG A 385 -0.31 14.40 -21.18
N LYS A 386 0.30 13.41 -20.51
CA LYS A 386 1.34 13.66 -19.48
C LYS A 386 0.82 14.51 -18.34
N GLU A 387 -0.46 14.38 -18.02
CA GLU A 387 -1.09 15.33 -17.13
C GLU A 387 -0.41 15.31 -15.76
N HIS A 388 0.16 14.18 -15.38
CA HIS A 388 0.85 14.09 -14.09
C HIS A 388 2.04 15.02 -14.00
N GLU A 389 2.74 15.23 -15.10
CA GLU A 389 3.97 16.01 -15.08
C GLU A 389 3.73 17.54 -14.90
N LYS A 390 2.56 18.02 -15.27
CA LYS A 390 2.19 19.42 -15.06
C LYS A 390 2.77 20.02 -13.74
N PHE A 391 2.81 19.22 -12.64
CA PHE A 391 3.55 19.66 -11.41
C PHE A 391 4.49 18.61 -10.95
N LYS A 392 5.40 18.99 -10.07
CA LYS A 392 6.31 18.03 -9.45
C LYS A 392 5.54 17.03 -8.61
N TYR A 393 4.67 17.53 -7.75
CA TYR A 393 3.83 16.68 -6.92
C TYR A 393 2.38 16.55 -7.45
N GLY A 394 2.23 16.58 -8.77
CA GLY A 394 0.89 16.38 -9.39
C GLY A 394 0.34 15.00 -9.14
N ALA A 395 1.26 14.04 -8.94
CA ALA A 395 0.91 12.63 -8.65
C ALA A 395 1.79 12.11 -7.53
N VAL A 396 1.18 11.76 -6.39
CA VAL A 396 1.94 11.29 -5.23
C VAL A 396 1.32 10.03 -4.55
N PRO A 397 0.84 9.08 -5.36
CA PRO A 397 0.25 7.89 -4.74
C PRO A 397 1.25 7.06 -3.94
N PHE A 398 2.56 7.23 -4.21
CA PHE A 398 3.64 6.50 -3.48
C PHE A 398 4.43 7.44 -2.56
N GLY A 399 3.90 8.65 -2.39
CA GLY A 399 4.63 9.68 -1.73
C GLY A 399 5.73 10.29 -2.57
N ALA A 400 6.60 11.03 -1.90
CA ALA A 400 7.71 11.68 -2.55
C ALA A 400 8.71 12.05 -1.54
N GLY A 401 9.91 12.36 -2.02
CA GLY A 401 11.00 12.77 -1.18
C GLY A 401 11.55 11.66 -0.33
N ARG A 402 11.99 12.03 0.85
CA ARG A 402 12.84 11.24 1.69
C ARG A 402 12.18 9.91 2.10
N HIS A 403 10.85 9.91 2.21
CA HIS A 403 10.13 8.73 2.68
C HIS A 403 9.28 8.10 1.58
N LYS A 404 9.66 8.32 0.32
CA LYS A 404 8.91 7.79 -0.80
C LYS A 404 8.84 6.28 -0.68
N CYS A 405 7.72 5.67 -1.11
CA CYS A 405 7.54 4.21 -0.99
C CYS A 405 8.70 3.44 -1.61
N ILE A 406 9.19 2.41 -0.92
CA ILE A 406 10.28 1.60 -1.38
C ILE A 406 9.76 0.32 -1.93
N GLY A 407 8.45 0.09 -1.72
CA GLY A 407 7.75 -1.01 -2.32
C GLY A 407 7.21 -0.76 -3.71
N GLU A 408 7.43 0.42 -4.23
CA GLU A 408 6.73 0.83 -5.45
C GLU A 408 6.90 -0.17 -6.59
N ASN A 409 8.16 -0.54 -6.84
CA ASN A 409 8.52 -1.47 -7.91
C ASN A 409 7.99 -2.88 -7.70
N PHE A 410 8.08 -3.37 -6.47
CA PHE A 410 7.43 -4.63 -6.12
C PHE A 410 5.85 -4.64 -6.29
N ALA A 411 5.20 -3.57 -5.85
CA ALA A 411 3.80 -3.39 -6.04
C ALA A 411 3.45 -3.40 -7.56
N LEU A 412 4.23 -2.67 -8.36
CA LEU A 412 3.94 -2.56 -9.79
C LEU A 412 4.01 -3.94 -10.37
N LEU A 413 5.10 -4.64 -9.99
CA LEU A 413 5.35 -6.04 -10.36
C LEU A 413 4.25 -7.03 -9.96
N GLN A 414 3.79 -6.95 -8.70
CA GLN A 414 2.75 -7.84 -8.18
C GLN A 414 1.42 -7.65 -8.93
N VAL A 415 0.98 -6.39 -9.06
CA VAL A 415 -0.29 -6.09 -9.60
C VAL A 415 -0.29 -6.31 -11.13
N LYS A 416 0.83 -5.98 -11.82
CA LYS A 416 0.87 -6.17 -13.25
C LYS A 416 0.87 -7.62 -13.52
N SER A 417 1.64 -8.40 -12.73
CA SER A 417 1.72 -9.89 -12.95
C SER A 417 0.35 -10.61 -12.76
N ILE A 418 -0.33 -10.29 -11.68
CA ILE A 418 -1.59 -10.95 -11.35
C ILE A 418 -2.63 -10.63 -12.44
N ILE A 419 -2.76 -9.39 -12.79
CA ILE A 419 -3.70 -9.03 -13.78
C ILE A 419 -3.40 -9.70 -15.14
N SER A 420 -2.13 -9.68 -15.56
CA SER A 420 -1.73 -10.28 -16.82
C SER A 420 -2.05 -11.73 -16.77
N ILE A 421 -1.72 -12.37 -15.68
CA ILE A 421 -1.95 -13.79 -15.55
C ILE A 421 -3.48 -14.13 -15.61
N LEU A 422 -4.29 -13.39 -14.87
CA LEU A 422 -5.74 -13.63 -14.86
C LEU A 422 -6.34 -13.42 -16.24
N LEU A 423 -5.86 -12.39 -16.94
CA LEU A 423 -6.27 -12.11 -18.33
C LEU A 423 -5.85 -13.22 -19.28
N ARG A 424 -4.67 -13.79 -19.07
CA ARG A 424 -4.32 -14.98 -19.80
C ARG A 424 -5.35 -16.08 -19.60
N TYR A 425 -5.73 -16.32 -18.33
CA TYR A 425 -6.59 -17.48 -18.00
C TYR A 425 -8.06 -17.28 -18.45
N PHE A 426 -8.58 -16.04 -18.28
CA PHE A 426 -10.05 -15.77 -18.17
C PHE A 426 -10.50 -14.63 -19.02
N ASP A 427 -11.64 -14.81 -19.68
CA ASP A 427 -12.51 -13.68 -19.99
C ASP A 427 -13.25 -13.23 -18.72
N MET A 428 -13.31 -11.91 -18.50
CA MET A 428 -13.88 -11.39 -17.30
C MET A 428 -14.75 -10.17 -17.57
N GLU A 429 -15.93 -10.15 -16.96
CA GLU A 429 -16.80 -8.93 -16.96
C GLU A 429 -17.28 -8.61 -15.62
N TYR A 430 -17.41 -7.32 -15.38
CA TYR A 430 -17.82 -6.82 -14.12
C TYR A 430 -19.30 -6.74 -14.12
N ILE A 431 -19.90 -6.75 -12.91
CA ILE A 431 -21.34 -6.74 -12.72
C ILE A 431 -21.74 -5.44 -12.02
N GLY A 432 -22.38 -4.55 -12.78
CA GLY A 432 -22.88 -3.30 -12.24
C GLY A 432 -21.94 -2.16 -12.51
N LYS A 433 -22.26 -1.00 -11.92
CA LYS A 433 -21.42 0.20 -12.03
C LYS A 433 -20.28 0.09 -11.06
N ILE A 434 -19.20 0.79 -11.34
CA ILE A 434 -18.03 0.69 -10.50
C ILE A 434 -18.26 1.49 -9.23
N PRO A 435 -17.92 0.89 -8.08
CA PRO A 435 -18.36 1.43 -6.82
C PRO A 435 -17.59 2.62 -6.41
N ASP A 436 -18.00 3.25 -5.32
CA ASP A 436 -17.21 4.30 -4.67
C ASP A 436 -16.23 3.69 -3.63
N PRO A 437 -15.18 4.45 -3.27
CA PRO A 437 -14.36 4.02 -2.11
C PRO A 437 -15.17 4.02 -0.83
N SER A 438 -15.01 2.98 -0.01
CA SER A 438 -15.51 2.97 1.35
C SER A 438 -14.46 3.45 2.27
N TYR A 439 -14.73 4.55 2.94
CA TYR A 439 -13.76 5.11 3.89
C TYR A 439 -13.85 4.50 5.30
N THR A 440 -14.17 3.20 5.34
CA THR A 440 -14.30 2.46 6.57
C THR A 440 -12.92 2.15 7.16
N SER A 441 -12.01 1.71 6.32
CA SER A 441 -10.81 1.01 6.76
C SER A 441 -9.60 1.96 6.82
N LEU A 442 -8.52 1.51 7.48
CA LEU A 442 -7.22 2.20 7.41
C LEU A 442 -6.74 2.39 5.95
N VAL A 443 -6.74 1.30 5.19
CA VAL A 443 -6.38 1.32 3.81
C VAL A 443 -7.69 1.30 3.01
N VAL A 444 -7.96 2.35 2.25
CA VAL A 444 -9.24 2.53 1.66
C VAL A 444 -9.30 1.69 0.35
N GLY A 445 -10.40 0.87 0.19
CA GLY A 445 -10.66 0.06 -1.05
C GLY A 445 -12.12 0.22 -1.49
N PRO A 446 -12.57 -0.56 -2.52
CA PRO A 446 -13.94 -0.34 -3.04
C PRO A 446 -15.01 -0.85 -2.09
N SER A 447 -16.07 -0.04 -1.91
CA SER A 447 -17.36 -0.50 -1.29
C SER A 447 -17.81 -1.82 -1.89
N PRO A 448 -17.91 -2.87 -1.05
CA PRO A 448 -18.41 -4.14 -1.54
C PRO A 448 -19.89 -4.10 -1.91
N PRO A 449 -20.34 -5.04 -2.76
CA PRO A 449 -19.55 -6.12 -3.26
C PRO A 449 -18.89 -5.73 -4.58
N THR A 450 -17.91 -6.54 -5.02
CA THR A 450 -17.20 -6.30 -6.26
C THR A 450 -17.18 -7.58 -7.11
N ARG A 451 -18.31 -7.89 -7.73
CA ARG A 451 -18.47 -9.19 -8.37
C ARG A 451 -18.13 -9.12 -9.81
N MET A 452 -17.54 -10.21 -10.34
CA MET A 452 -17.36 -10.39 -11.80
C MET A 452 -17.57 -11.83 -12.13
N ARG A 453 -18.03 -12.07 -13.37
CA ARG A 453 -18.07 -13.40 -13.96
C ARG A 453 -16.81 -13.65 -14.73
N TYR A 454 -16.42 -14.90 -14.80
CA TYR A 454 -15.25 -15.28 -15.52
C TYR A 454 -15.50 -16.54 -16.28
N LYS A 455 -14.79 -16.73 -17.33
CA LYS A 455 -14.92 -17.96 -18.07
C LYS A 455 -13.51 -18.34 -18.60
N LEU A 456 -13.15 -19.61 -18.51
CA LEU A 456 -11.82 -20.03 -18.97
C LEU A 456 -11.77 -19.74 -20.48
N ARG A 457 -10.58 -19.41 -20.99
CA ARG A 457 -10.41 -19.14 -22.43
C ARG A 457 -9.90 -20.39 -23.20
N LYS A 458 -9.04 -21.17 -22.55
CA LYS A 458 -8.52 -22.41 -23.16
C LYS A 458 -9.47 -23.57 -22.91
CHA HEM B . 5.84 4.35 2.16
CHB HEM B . 2.11 3.99 -0.81
CHC HEM B . 3.27 -0.65 -1.64
CHD HEM B . 6.59 -0.38 1.80
C1A HEM B . 4.79 4.62 1.40
C2A HEM B . 4.16 5.91 1.29
C3A HEM B . 3.13 5.78 0.48
C4A HEM B . 3.06 4.45 0.05
CMA HEM B . 2.18 6.89 0.05
CAA HEM B . 4.58 7.21 1.96
CBA HEM B . 4.15 7.20 3.41
CGA HEM B . 4.57 8.51 4.07
O1A HEM B . 4.11 8.85 5.18
O2A HEM B . 5.38 9.27 3.49
C1B HEM B . 2.11 2.69 -1.32
C2B HEM B . 1.18 2.23 -2.33
C3B HEM B . 1.49 0.91 -2.60
C4B HEM B . 2.66 0.59 -1.68
CMB HEM B . 0.10 3.10 -2.94
CAB HEM B . 0.88 -0.05 -3.59
CBB HEM B . 0.00 0.34 -4.53
C1C HEM B . 4.28 -0.98 -0.76
C2C HEM B . 4.90 -2.26 -0.67
C3C HEM B . 5.85 -2.14 0.33
C4C HEM B . 5.79 -0.82 0.83
CMC HEM B . 4.61 -3.49 -1.51
CAC HEM B . 6.77 -3.15 0.87
CBC HEM B . 6.70 -4.39 0.51
C1D HEM B . 6.64 0.94 2.15
C2D HEM B . 7.60 1.39 3.11
C3D HEM B . 7.46 2.69 3.23
C4D HEM B . 6.32 3.07 2.31
CMD HEM B . 8.61 0.54 3.82
CAD HEM B . 8.31 3.51 4.21
CBD HEM B . 8.81 4.82 3.72
CGD HEM B . 9.25 5.62 4.94
O1D HEM B . 8.44 5.86 5.89
O2D HEM B . 10.41 6.03 5.01
NA HEM B . 4.08 3.74 0.62
NB HEM B . 2.94 1.69 -0.99
NC HEM B . 4.85 -0.16 0.16
ND HEM B . 5.90 1.94 1.71
FE HEM B . 4.48 1.82 0.41
C1 EDO C . 1.18 -22.53 -15.12
O1 EDO C . 1.48 -23.04 -16.44
C2 EDO C . 1.86 -23.38 -14.05
O2 EDO C . 2.44 -22.53 -13.03
C1 EDO D . -6.52 -2.64 6.06
O1 EDO D . -7.27 -1.43 6.20
C2 EDO D . -6.50 -3.38 7.38
O2 EDO D . -6.44 -2.42 8.46
C1 EDO E . 1.78 9.37 -12.15
O1 EDO E . 1.19 8.58 -11.10
C2 EDO E . 1.54 8.69 -13.48
O2 EDO E . 2.53 7.65 -13.68
C1 EDO F . -4.53 -12.05 -22.95
O1 EDO F . -4.81 -12.21 -24.35
C2 EDO F . -3.05 -12.01 -22.71
O2 EDO F . -2.62 -13.31 -22.35
C1 EDO G . -0.02 -9.12 8.59
O1 EDO G . -0.82 -9.55 9.69
C2 EDO G . -0.78 -8.09 7.77
O2 EDO G . -1.99 -8.66 7.22
CA CA H . -3.46 17.52 -0.94
C1 KKK I . 2.77 2.31 3.09
N1 KKK I . 1.84 1.74 3.85
O1 KKK I . 2.85 4.17 5.46
CL1 KKK I . 6.99 -1.11 6.78
C2 KKK I . 2.19 0.44 2.16
N2 KKK I . 2.99 1.52 2.06
O2 KKK I . 1.88 3.05 7.23
CL2 KKK I . 1.86 -0.17 7.02
C3 KKK I . 1.47 0.58 3.30
N3 KKK I . -5.09 7.70 7.97
O3 KKK I . -0.10 5.32 7.28
C4 KKK I . 1.33 2.27 5.06
N4 KKK I . -7.67 8.53 8.41
O4 KKK I . -9.87 8.58 7.90
C5 KKK I . 2.44 2.85 5.91
C6 KKK I . 2.26 5.10 6.41
C7 KKK I . 2.27 4.32 7.65
C8 KKK I . 3.61 1.92 6.09
C9 KKK I . 3.42 0.53 6.60
C10 KKK I . 4.46 -0.28 6.76
C11 KKK I . 5.70 0.10 6.50
C12 KKK I . 5.96 1.39 6.02
C13 KKK I . 4.89 2.31 5.82
C14 KKK I . 0.78 5.47 6.08
C15 KKK I . -1.32 5.94 7.41
C16 KKK I . -2.09 5.59 8.49
C17 KKK I . -3.33 6.16 8.69
C18 KKK I . -3.82 7.09 7.79
C19 KKK I . -3.04 7.46 6.68
C20 KKK I . -1.80 6.89 6.49
C21 KKK I . -6.17 6.94 7.34
C22 KKK I . -7.32 7.92 7.11
C23 KKK I . -6.56 9.01 9.33
C24 KKK I . -5.45 7.96 9.36
C25 KKK I . -8.97 8.68 8.73
C26 KKK I . -9.27 8.97 10.17
#